data_5CY1
#
_entry.id   5CY1
#
_cell.length_a   77.313
_cell.length_b   77.313
_cell.length_c   272.277
_cell.angle_alpha   90.00
_cell.angle_beta   90.00
_cell.angle_gamma   90.00
#
_symmetry.space_group_name_H-M   'P 43 21 2'
#
loop_
_entity.id
_entity.type
_entity.pdbx_description
1 polymer 'Transposon Tn3 resolvase'
2 polymer 'DNA (30-MER)'
3 polymer 'DNA (30-MER)'
#
loop_
_entity_poly.entity_id
_entity_poly.type
_entity_poly.pdbx_seq_one_letter_code
_entity_poly.pdbx_strand_id
1 'polypeptide(L)'
;MRIFGYARVSTSQQSLDIQIRALKDAGVKANRIFTDKASGSSTDREGLDLLRMKVEEGDVILVKKLDRLGRDTADMIQLI
KEFDAQGVAVRFIDDGISTDGDMGQMVVTILSAVAQAERRRILERTNEGRQEAKLKGIKFGRRRTVDRNVVLTLHQKGTG
ATEIAHQLSIARSTVYKILEDERASAHHHHHH
;
A,B
2 'polydeoxyribonucleotide'
;(DT)(DC)(DG)(DT)(DG)(DT)(DC)(DT)(DG)(DA)(DT)(DA)(DT)(DT)(DC)(DG)(DA)(DT)(DT)(DT)
(DA)(DA)(DG)(DG)(DT)(DA)(DC)(DA)(DT)(DT)
;
C
3 'polydeoxyribonucleotide'
;(DA)(DA)(DA)(DT)(DG)(DT)(DA)(DC)(DC)(DT)(DT)(DA)(DA)(DA)(DT)(DC)(DG)(DA)(DA)(DT)
(DA)(DT)(DC)(DA)(DG)(DA)(DC)(DA)(DC)(DG)
;
D
#
# COMPACT_ATOMS: atom_id res chain seq x y z
N MET A 1 -22.48 -22.37 -12.74
CA MET A 1 -21.58 -21.32 -13.21
C MET A 1 -22.27 -19.97 -13.19
N ARG A 2 -22.70 -19.55 -11.99
CA ARG A 2 -23.34 -18.25 -11.82
C ARG A 2 -22.30 -17.15 -11.62
N ILE A 3 -22.54 -15.99 -12.19
CA ILE A 3 -21.64 -14.86 -12.07
C ILE A 3 -22.18 -13.88 -11.03
N PHE A 4 -21.33 -13.49 -10.09
CA PHE A 4 -21.72 -12.58 -9.02
C PHE A 4 -20.75 -11.41 -8.94
N GLY A 5 -21.14 -10.38 -8.18
CA GLY A 5 -20.29 -9.23 -8.00
C GLY A 5 -20.52 -8.53 -6.67
N TYR A 6 -19.49 -7.80 -6.22
CA TYR A 6 -19.55 -7.13 -4.93
C TYR A 6 -18.93 -5.73 -5.01
N ALA A 7 -19.54 -4.77 -4.34
CA ALA A 7 -19.05 -3.41 -4.31
C ALA A 7 -19.24 -2.81 -2.92
N ARG A 8 -18.24 -2.08 -2.45
CA ARG A 8 -18.30 -1.49 -1.11
C ARG A 8 -17.78 -0.06 -1.08
N VAL A 9 -18.53 0.82 -0.42
CA VAL A 9 -18.10 2.19 -0.17
C VAL A 9 -18.35 2.52 1.29
N SER A 10 -18.02 3.74 1.69
CA SER A 10 -18.31 4.21 3.04
C SER A 10 -19.57 5.06 3.02
N THR A 11 -19.51 6.18 2.30
CA THR A 11 -20.63 7.10 2.18
C THR A 11 -21.06 7.23 0.72
N SER A 12 -20.12 7.67 -0.12
CA SER A 12 -20.41 8.08 -1.50
C SER A 12 -21.21 7.07 -2.31
N GLN A 13 -22.30 7.56 -2.90
CA GLN A 13 -23.15 6.76 -3.77
C GLN A 13 -22.56 6.65 -5.17
N GLN A 14 -21.86 7.71 -5.60
CA GLN A 14 -21.35 7.80 -6.96
C GLN A 14 -20.27 6.76 -7.25
N SER A 15 -19.26 6.69 -6.38
CA SER A 15 -18.18 5.74 -6.54
C SER A 15 -18.69 4.30 -6.41
N LEU A 16 -19.84 4.16 -5.77
CA LEU A 16 -20.51 2.87 -5.70
C LEU A 16 -21.16 2.56 -7.05
N ASP A 17 -21.78 3.57 -7.65
CA ASP A 17 -22.38 3.42 -8.96
C ASP A 17 -21.30 3.22 -10.03
N ILE A 18 -20.08 3.67 -9.71
CA ILE A 18 -18.94 3.47 -10.59
C ILE A 18 -18.59 1.99 -10.66
N GLN A 19 -18.53 1.33 -9.51
CA GLN A 19 -18.23 -0.09 -9.44
C GLN A 19 -19.32 -0.91 -10.12
N ILE A 20 -20.58 -0.60 -9.80
CA ILE A 20 -21.73 -1.32 -10.32
C ILE A 20 -21.76 -1.27 -11.85
N ARG A 21 -21.46 -0.09 -12.40
CA ARG A 21 -21.44 0.09 -13.85
C ARG A 21 -20.30 -0.71 -14.47
N ALA A 22 -19.22 -0.88 -13.71
CA ALA A 22 -18.07 -1.65 -14.18
C ALA A 22 -18.38 -3.14 -14.17
N LEU A 23 -19.10 -3.57 -13.13
CA LEU A 23 -19.51 -4.97 -13.02
C LEU A 23 -20.53 -5.32 -14.10
N LYS A 24 -21.43 -4.38 -14.38
CA LYS A 24 -22.46 -4.60 -15.40
C LYS A 24 -21.86 -4.70 -16.81
N ASP A 25 -20.78 -3.96 -17.04
CA ASP A 25 -20.08 -4.03 -18.32
C ASP A 25 -19.21 -5.28 -18.39
N ALA A 26 -18.97 -5.87 -17.22
CA ALA A 26 -18.18 -7.10 -17.12
C ALA A 26 -19.06 -8.33 -17.34
N GLY A 27 -20.34 -8.08 -17.66
CA GLY A 27 -21.30 -9.15 -17.86
C GLY A 27 -21.87 -9.73 -16.58
N VAL A 28 -22.18 -8.87 -15.62
CA VAL A 28 -22.85 -9.28 -14.40
C VAL A 28 -24.28 -8.72 -14.40
N LYS A 29 -25.25 -9.58 -14.14
CA LYS A 29 -26.64 -9.17 -14.11
C LYS A 29 -26.90 -8.24 -12.92
N ALA A 30 -27.91 -7.40 -13.03
CA ALA A 30 -28.20 -6.38 -12.03
C ALA A 30 -28.57 -6.98 -10.67
N ASN A 31 -29.27 -8.11 -10.70
CA ASN A 31 -29.71 -8.77 -9.47
C ASN A 31 -28.60 -9.62 -8.85
N ARG A 32 -27.52 -9.81 -9.61
CA ARG A 32 -26.39 -10.61 -9.16
C ARG A 32 -25.36 -9.76 -8.43
N ILE A 33 -25.65 -8.48 -8.26
CA ILE A 33 -24.72 -7.55 -7.61
C ILE A 33 -25.17 -7.24 -6.19
N PHE A 34 -24.23 -7.36 -5.25
CA PHE A 34 -24.49 -7.05 -3.84
C PHE A 34 -23.58 -5.91 -3.38
N THR A 35 -24.13 -5.00 -2.57
CA THR A 35 -23.39 -3.82 -2.13
C THR A 35 -23.52 -3.57 -0.63
N ASP A 36 -22.65 -2.72 -0.10
CA ASP A 36 -22.68 -2.33 1.31
C ASP A 36 -22.16 -0.91 1.51
N LYS A 37 -22.50 -0.33 2.67
CA LYS A 37 -21.99 0.99 3.04
C LYS A 37 -21.98 1.13 4.56
N ALA A 38 -21.16 2.04 5.06
CA ALA A 38 -21.05 2.27 6.49
C ALA A 38 -22.08 3.30 6.96
N SER A 42 -20.62 -0.03 13.42
CA SER A 42 -21.95 -0.56 13.15
C SER A 42 -21.86 -1.88 12.39
N THR A 43 -20.88 -1.95 11.49
CA THR A 43 -20.60 -3.15 10.71
C THR A 43 -21.83 -3.62 9.94
N ASP A 44 -22.19 -2.90 8.88
CA ASP A 44 -23.27 -3.38 8.02
C ASP A 44 -22.66 -4.06 6.80
N ARG A 45 -22.62 -5.38 6.87
CA ARG A 45 -22.07 -6.23 5.81
C ARG A 45 -23.12 -6.95 4.98
N GLU A 46 -24.40 -6.66 5.25
CA GLU A 46 -25.52 -7.48 4.78
C GLU A 46 -25.42 -7.89 3.30
N GLY A 47 -24.92 -7.00 2.45
CA GLY A 47 -24.68 -7.34 1.05
C GLY A 47 -23.67 -8.45 0.91
N LEU A 48 -22.60 -8.39 1.68
CA LEU A 48 -21.55 -9.41 1.65
C LEU A 48 -22.04 -10.71 2.27
N ASP A 49 -22.80 -10.60 3.35
CA ASP A 49 -23.36 -11.78 4.02
C ASP A 49 -24.35 -12.51 3.11
N LEU A 50 -25.17 -11.74 2.41
CA LEU A 50 -26.10 -12.32 1.45
C LEU A 50 -25.35 -13.02 0.31
N LEU A 51 -24.20 -12.46 -0.06
CA LEU A 51 -23.35 -13.08 -1.07
C LEU A 51 -22.74 -14.36 -0.50
N ARG A 52 -22.36 -14.32 0.77
CA ARG A 52 -21.83 -15.50 1.45
C ARG A 52 -22.81 -16.67 1.38
N MET A 53 -24.09 -16.36 1.54
CA MET A 53 -25.14 -17.38 1.55
C MET A 53 -25.37 -17.98 0.16
N LYS A 54 -25.60 -17.12 -0.82
CA LYS A 54 -26.04 -17.55 -2.13
C LYS A 54 -24.99 -18.32 -2.94
N VAL A 55 -23.72 -18.00 -2.76
CA VAL A 55 -22.67 -18.59 -3.58
C VAL A 55 -22.61 -20.10 -3.42
N GLU A 56 -22.34 -20.78 -4.53
CA GLU A 56 -22.23 -22.23 -4.56
C GLU A 56 -20.95 -22.61 -5.30
N GLU A 57 -20.56 -23.87 -5.23
CA GLU A 57 -19.36 -24.34 -5.92
C GLU A 57 -19.48 -24.10 -7.41
N GLY A 58 -18.39 -23.64 -8.03
CA GLY A 58 -18.38 -23.35 -9.45
C GLY A 58 -18.70 -21.89 -9.76
N ASP A 59 -19.35 -21.21 -8.82
CA ASP A 59 -19.69 -19.80 -9.00
C ASP A 59 -18.45 -18.92 -8.95
N VAL A 60 -18.51 -17.78 -9.63
CA VAL A 60 -17.41 -16.83 -9.65
C VAL A 60 -17.89 -15.46 -9.17
N ILE A 61 -17.07 -14.78 -8.39
CA ILE A 61 -17.41 -13.45 -7.89
C ILE A 61 -16.45 -12.42 -8.47
N LEU A 62 -16.99 -11.42 -9.16
CA LEU A 62 -16.19 -10.37 -9.75
C LEU A 62 -16.12 -9.16 -8.82
N VAL A 63 -14.92 -8.65 -8.58
CA VAL A 63 -14.73 -7.47 -7.75
C VAL A 63 -13.85 -6.48 -8.50
N LYS A 64 -14.13 -5.19 -8.35
CA LYS A 64 -13.37 -4.16 -9.04
C LYS A 64 -11.90 -4.15 -8.59
N LYS A 65 -11.68 -4.00 -7.28
CA LYS A 65 -10.33 -3.96 -6.73
C LYS A 65 -10.25 -4.71 -5.40
N LEU A 66 -9.02 -5.04 -4.99
CA LEU A 66 -8.79 -5.80 -3.76
C LEU A 66 -9.28 -5.06 -2.52
N ASP A 67 -9.04 -3.75 -2.48
CA ASP A 67 -9.35 -2.93 -1.33
C ASP A 67 -10.85 -2.91 -0.99
N ARG A 68 -11.67 -3.27 -1.97
CA ARG A 68 -13.12 -3.18 -1.83
C ARG A 68 -13.73 -4.44 -1.24
N LEU A 69 -12.90 -5.40 -0.87
CA LEU A 69 -13.38 -6.67 -0.35
C LEU A 69 -13.49 -6.67 1.18
N GLY A 70 -12.35 -6.71 1.86
CA GLY A 70 -12.34 -6.75 3.31
C GLY A 70 -12.09 -5.40 3.96
N ARG A 71 -12.28 -5.34 5.28
CA ARG A 71 -12.06 -4.10 6.02
C ARG A 71 -10.57 -3.90 6.27
N ASP A 72 -9.79 -4.95 6.02
CA ASP A 72 -8.33 -4.87 6.08
C ASP A 72 -7.74 -6.02 5.27
N THR A 73 -6.42 -6.17 5.34
CA THR A 73 -5.73 -7.25 4.63
C THR A 73 -6.16 -8.61 5.21
N ALA A 74 -6.29 -8.67 6.53
CA ALA A 74 -6.70 -9.89 7.21
C ALA A 74 -8.09 -10.34 6.77
N ASP A 75 -9.05 -9.43 6.86
CA ASP A 75 -10.44 -9.73 6.50
C ASP A 75 -10.55 -10.14 5.04
N MET A 76 -9.75 -9.52 4.19
CA MET A 76 -9.78 -9.81 2.76
C MET A 76 -9.40 -11.27 2.46
N ILE A 77 -8.23 -11.67 2.96
CA ILE A 77 -7.74 -13.03 2.74
C ILE A 77 -8.65 -14.05 3.42
N GLN A 78 -9.16 -13.67 4.60
CA GLN A 78 -10.14 -14.49 5.32
C GLN A 78 -11.34 -14.80 4.43
N LEU A 79 -11.78 -13.80 3.68
CA LEU A 79 -12.90 -13.98 2.76
C LEU A 79 -12.48 -14.80 1.55
N ILE A 80 -11.35 -14.45 0.95
CA ILE A 80 -10.84 -15.14 -0.23
C ILE A 80 -10.67 -16.64 0.05
N LYS A 81 -10.08 -16.96 1.21
CA LYS A 81 -9.95 -18.35 1.64
C LYS A 81 -11.31 -19.02 1.76
N GLU A 82 -12.28 -18.28 2.30
CA GLU A 82 -13.62 -18.81 2.55
C GLU A 82 -14.30 -19.24 1.25
N PHE A 83 -14.14 -18.44 0.20
CA PHE A 83 -14.73 -18.76 -1.10
C PHE A 83 -13.94 -19.86 -1.81
N ASP A 84 -12.62 -19.86 -1.64
CA ASP A 84 -11.77 -20.87 -2.27
C ASP A 84 -12.04 -22.25 -1.71
N ALA A 85 -12.39 -22.30 -0.42
CA ALA A 85 -12.73 -23.55 0.25
C ALA A 85 -13.96 -24.19 -0.40
N GLN A 86 -14.88 -23.35 -0.86
CA GLN A 86 -16.09 -23.81 -1.51
C GLN A 86 -15.91 -23.98 -3.01
N GLY A 87 -14.70 -23.73 -3.48
CA GLY A 87 -14.40 -23.80 -4.90
C GLY A 87 -14.85 -22.56 -5.64
N VAL A 88 -15.31 -21.56 -4.90
CA VAL A 88 -15.77 -20.31 -5.47
C VAL A 88 -14.57 -19.42 -5.77
N ALA A 89 -14.50 -18.93 -7.01
CA ALA A 89 -13.36 -18.15 -7.44
C ALA A 89 -13.64 -16.65 -7.42
N VAL A 90 -12.64 -15.87 -7.04
CA VAL A 90 -12.76 -14.42 -7.01
C VAL A 90 -11.82 -13.79 -8.03
N ARG A 91 -12.37 -12.96 -8.90
CA ARG A 91 -11.57 -12.28 -9.92
C ARG A 91 -11.62 -10.77 -9.73
N PHE A 92 -10.45 -10.18 -9.48
CA PHE A 92 -10.36 -8.73 -9.30
C PHE A 92 -10.04 -8.06 -10.63
N ILE A 93 -11.00 -7.30 -11.14
CA ILE A 93 -10.97 -6.74 -12.48
C ILE A 93 -9.74 -5.86 -12.76
N ASP A 94 -9.69 -4.71 -12.10
CA ASP A 94 -8.67 -3.70 -12.39
C ASP A 94 -7.23 -4.19 -12.15
N ASP A 95 -7.05 -5.05 -11.15
CA ASP A 95 -5.72 -5.55 -10.84
C ASP A 95 -5.35 -6.77 -11.67
N GLY A 96 -6.32 -7.28 -12.43
CA GLY A 96 -6.10 -8.44 -13.29
C GLY A 96 -5.65 -9.68 -12.53
N ILE A 97 -6.32 -9.95 -11.42
CA ILE A 97 -5.95 -11.07 -10.55
C ILE A 97 -7.14 -12.01 -10.38
N SER A 98 -6.86 -13.31 -10.36
CA SER A 98 -7.90 -14.31 -10.17
C SER A 98 -7.45 -15.41 -9.21
N THR A 99 -8.40 -16.02 -8.54
CA THR A 99 -8.12 -17.14 -7.64
C THR A 99 -8.27 -18.46 -8.38
N ASP A 100 -8.50 -18.39 -9.69
CA ASP A 100 -8.76 -19.58 -10.49
C ASP A 100 -7.99 -19.52 -11.81
N GLY A 101 -8.32 -20.43 -12.72
CA GLY A 101 -7.53 -20.63 -13.92
C GLY A 101 -6.22 -21.32 -13.59
N ASP A 102 -5.11 -20.74 -14.02
CA ASP A 102 -3.80 -21.36 -13.84
C ASP A 102 -3.13 -20.91 -12.55
N MET A 103 -2.81 -19.61 -12.47
CA MET A 103 -2.05 -19.07 -11.35
C MET A 103 -2.88 -18.98 -10.07
N GLY A 104 -4.17 -19.30 -10.17
CA GLY A 104 -5.09 -19.19 -9.05
C GLY A 104 -4.64 -19.83 -7.76
N GLN A 105 -4.06 -21.02 -7.84
CA GLN A 105 -3.56 -21.71 -6.66
C GLN A 105 -2.36 -20.97 -6.08
N MET A 106 -1.49 -20.48 -6.95
CA MET A 106 -0.34 -19.70 -6.52
C MET A 106 -0.81 -18.41 -5.85
N VAL A 107 -1.92 -17.86 -6.34
CA VAL A 107 -2.50 -16.66 -5.76
C VAL A 107 -2.94 -16.93 -4.33
N VAL A 108 -3.69 -18.01 -4.14
CA VAL A 108 -4.23 -18.35 -2.83
C VAL A 108 -3.11 -18.77 -1.90
N THR A 109 -2.06 -19.37 -2.47
CA THR A 109 -0.93 -19.85 -1.68
C THR A 109 -0.21 -18.71 -0.98
N ILE A 110 0.19 -17.70 -1.74
CA ILE A 110 0.93 -16.57 -1.18
C ILE A 110 0.03 -15.70 -0.31
N LEU A 111 -1.25 -15.65 -0.66
CA LEU A 111 -2.24 -14.94 0.16
C LEU A 111 -2.37 -15.59 1.52
N SER A 112 -2.25 -16.91 1.54
CA SER A 112 -2.35 -17.67 2.77
C SER A 112 -1.09 -17.52 3.61
N ALA A 113 0.03 -17.25 2.94
CA ALA A 113 1.30 -17.08 3.62
C ALA A 113 1.34 -15.78 4.41
N VAL A 114 1.01 -14.67 3.75
CA VAL A 114 1.00 -13.37 4.38
C VAL A 114 -0.05 -13.31 5.47
N ALA A 115 -1.12 -14.09 5.31
CA ALA A 115 -2.18 -14.14 6.31
C ALA A 115 -1.66 -14.73 7.61
N GLN A 116 -1.05 -15.91 7.52
CA GLN A 116 -0.47 -16.56 8.69
C GLN A 116 0.73 -15.78 9.19
N ALA A 117 1.42 -15.10 8.28
CA ALA A 117 2.58 -14.30 8.64
C ALA A 117 2.19 -13.16 9.56
N GLU A 118 1.18 -12.38 9.16
CA GLU A 118 0.75 -11.25 9.96
C GLU A 118 -0.02 -11.71 11.19
N ARG A 119 -0.60 -12.91 11.12
CA ARG A 119 -1.26 -13.48 12.28
C ARG A 119 -0.23 -13.79 13.36
N ARG A 120 0.96 -14.19 12.94
CA ARG A 120 2.06 -14.42 13.86
C ARG A 120 2.63 -13.10 14.33
N ARG A 121 2.49 -12.07 13.50
CA ARG A 121 2.92 -10.73 13.86
C ARG A 121 1.97 -10.16 14.91
N ILE A 122 0.69 -10.51 14.80
CA ILE A 122 -0.29 -10.12 15.79
C ILE A 122 0.05 -10.81 17.11
N LEU A 123 0.55 -12.04 17.02
CA LEU A 123 0.96 -12.79 18.20
C LEU A 123 2.22 -12.19 18.83
N GLU A 124 3.00 -11.49 18.01
CA GLU A 124 4.19 -10.81 18.50
C GLU A 124 3.78 -9.56 19.26
N ARG A 125 3.09 -8.65 18.57
CA ARG A 125 2.58 -7.43 19.16
C ARG A 125 1.82 -7.69 20.46
N THR A 126 0.92 -8.67 20.44
CA THR A 126 0.08 -8.99 21.60
C THR A 126 0.89 -9.26 22.87
N ASN A 127 2.07 -9.87 22.71
CA ASN A 127 2.92 -10.20 23.84
C ASN A 127 3.59 -8.98 24.47
N GLU A 128 4.24 -8.17 23.65
CA GLU A 128 4.92 -6.96 24.12
C GLU A 128 3.90 -5.83 24.33
N GLY A 129 2.90 -5.81 23.47
CA GLY A 129 1.85 -4.82 23.39
C GLY A 129 2.15 -3.81 22.30
N ARG A 130 1.14 -3.52 21.51
CA ARG A 130 1.20 -2.53 20.43
C ARG A 130 -0.10 -1.73 20.36
N GLN A 131 -1.19 -2.48 20.19
CA GLN A 131 -2.48 -2.01 19.66
C GLN A 131 -2.96 -0.68 20.22
N GLU A 132 -2.62 -0.37 21.46
CA GLU A 132 -2.93 0.95 22.01
C GLU A 132 -2.34 2.06 21.13
N ALA A 133 -1.24 1.77 20.44
CA ALA A 133 -0.59 2.75 19.55
C ALA A 133 -1.28 2.89 18.20
N LYS A 134 -1.64 1.75 17.60
CA LYS A 134 -2.34 1.72 16.30
C LYS A 134 -1.59 2.43 15.17
N LEU A 135 -0.50 1.82 14.70
CA LEU A 135 0.28 2.38 13.59
C LEU A 135 -0.38 2.10 12.25
N LYS A 136 -0.74 3.16 11.53
CA LYS A 136 -1.29 3.02 10.18
C LYS A 136 -0.19 2.82 9.14
N GLY A 137 0.94 3.49 9.35
CA GLY A 137 2.08 3.38 8.46
C GLY A 137 2.29 4.55 7.52
N ILE A 138 1.22 5.30 7.27
CA ILE A 138 1.30 6.50 6.44
C ILE A 138 1.50 7.71 7.34
N LYS A 139 2.35 8.65 6.92
CA LYS A 139 2.61 9.83 7.72
C LYS A 139 1.61 10.91 7.34
N PHE A 140 0.72 11.25 8.27
CA PHE A 140 -0.30 12.24 7.99
C PHE A 140 -0.04 13.53 8.74
N GLY A 141 -0.48 14.64 8.16
CA GLY A 141 -0.39 15.94 8.80
C GLY A 141 0.89 16.71 8.55
N ARG A 142 0.90 17.95 9.03
CA ARG A 142 2.07 18.80 8.93
C ARG A 142 3.24 18.17 9.67
N ARG A 143 4.43 18.27 9.09
CA ARG A 143 5.64 17.81 9.75
C ARG A 143 5.96 18.73 10.93
N ARG A 144 6.62 18.20 11.96
CA ARG A 144 6.99 19.03 13.09
C ARG A 144 8.24 19.83 12.74
N THR A 145 8.09 21.16 12.70
CA THR A 145 9.21 22.05 12.43
C THR A 145 9.84 22.60 13.72
N VAL A 146 9.15 22.40 14.83
CA VAL A 146 9.58 22.99 16.09
C VAL A 146 10.51 22.04 16.83
N ASP A 147 11.63 22.58 17.33
CA ASP A 147 12.52 21.80 18.17
C ASP A 147 11.89 21.77 19.55
N ARG A 148 11.55 20.57 20.00
CA ARG A 148 10.86 20.39 21.27
C ARG A 148 11.84 20.43 22.42
N ASN A 149 13.05 19.96 22.15
CA ASN A 149 14.11 19.87 23.15
C ASN A 149 14.42 21.24 23.76
N VAL A 150 14.48 22.26 22.90
CA VAL A 150 14.78 23.62 23.34
C VAL A 150 13.67 24.13 24.26
N VAL A 151 12.43 23.86 23.88
CA VAL A 151 11.27 24.28 24.67
C VAL A 151 11.29 23.63 26.05
N LEU A 152 11.55 22.33 26.08
CA LEU A 152 11.56 21.58 27.32
C LEU A 152 12.69 22.03 28.25
N THR A 153 13.85 22.30 27.67
CA THR A 153 15.03 22.70 28.44
C THR A 153 14.83 24.06 29.11
N LEU A 154 14.30 25.01 28.35
CA LEU A 154 14.07 26.36 28.86
C LEU A 154 13.04 26.36 29.98
N HIS A 155 11.91 25.71 29.74
CA HIS A 155 10.84 25.62 30.74
C HIS A 155 11.34 24.92 32.00
N GLN A 156 12.22 23.95 31.83
CA GLN A 156 12.80 23.22 32.95
C GLN A 156 13.67 24.14 33.80
N LYS A 157 14.32 25.10 33.16
CA LYS A 157 15.18 26.04 33.86
C LYS A 157 14.37 27.10 34.60
N GLY A 158 13.07 27.14 34.34
CA GLY A 158 12.20 28.11 34.98
C GLY A 158 11.81 29.26 34.09
N THR A 159 12.15 29.17 32.81
CA THR A 159 11.81 30.20 31.84
C THR A 159 10.31 30.17 31.57
N GLY A 160 9.66 31.33 31.71
CA GLY A 160 8.23 31.44 31.55
C GLY A 160 7.71 31.09 30.18
N ALA A 161 6.40 30.89 30.08
CA ALA A 161 5.77 30.48 28.82
C ALA A 161 5.90 31.54 27.74
N THR A 162 5.61 32.79 28.10
CA THR A 162 5.65 33.89 27.13
C THR A 162 7.08 34.21 26.73
N GLU A 163 8.04 33.89 27.60
CA GLU A 163 9.43 34.16 27.34
C GLU A 163 10.00 33.17 26.32
N ILE A 164 9.57 31.93 26.39
CA ILE A 164 10.01 30.89 25.45
C ILE A 164 9.36 31.12 24.09
N ALA A 165 8.10 31.53 24.11
CA ALA A 165 7.35 31.80 22.89
C ALA A 165 8.00 32.95 22.11
N HIS A 166 8.39 33.99 22.84
CA HIS A 166 9.07 35.13 22.24
C HIS A 166 10.48 34.75 21.82
N GLN A 167 11.04 33.75 22.49
CA GLN A 167 12.40 33.30 22.21
C GLN A 167 12.49 32.57 20.86
N LEU A 168 11.62 31.58 20.68
CA LEU A 168 11.64 30.74 19.48
C LEU A 168 10.63 31.19 18.43
N SER A 169 9.96 32.31 18.67
CA SER A 169 8.99 32.88 17.73
C SER A 169 7.83 31.93 17.42
N ILE A 170 7.42 31.17 18.42
CA ILE A 170 6.22 30.35 18.29
C ILE A 170 5.08 31.00 19.08
N ALA A 171 3.91 30.40 19.00
CA ALA A 171 2.76 30.89 19.77
C ALA A 171 2.88 30.45 21.21
N ARG A 172 2.22 31.18 22.11
CA ARG A 172 2.22 30.81 23.52
C ARG A 172 1.44 29.49 23.70
N SER A 173 0.35 29.37 22.96
CA SER A 173 -0.48 28.16 23.02
C SER A 173 0.29 26.95 22.49
N THR A 174 1.19 27.19 21.53
CA THR A 174 2.04 26.14 20.97
C THR A 174 2.94 25.56 22.05
N VAL A 175 3.49 26.43 22.89
CA VAL A 175 4.36 26.02 23.99
C VAL A 175 3.62 25.05 24.92
N TYR A 176 2.38 25.38 25.23
CA TYR A 176 1.57 24.54 26.11
C TYR A 176 1.22 23.22 25.46
N LYS A 177 1.02 23.24 24.15
CA LYS A 177 0.75 22.01 23.40
C LYS A 177 1.96 21.09 23.43
N ILE A 178 3.15 21.68 23.34
CA ILE A 178 4.39 20.93 23.41
C ILE A 178 4.57 20.35 24.81
N LEU A 179 4.33 21.18 25.82
CA LEU A 179 4.46 20.73 27.21
C LEU A 179 3.43 19.66 27.54
N GLU A 180 2.26 19.74 26.91
CA GLU A 180 1.19 18.78 27.17
C GLU A 180 1.48 17.43 26.51
N ASP A 181 2.04 17.48 25.31
CA ASP A 181 2.35 16.26 24.56
C ASP A 181 3.47 15.46 25.23
N GLU A 182 4.48 16.17 25.73
CA GLU A 182 5.62 15.52 26.38
C GLU A 182 5.30 15.06 27.80
N ARG A 183 4.37 15.77 28.45
CA ARG A 183 3.92 15.38 29.78
C ARG A 183 3.08 14.12 29.70
N ALA A 184 2.25 14.04 28.66
CA ALA A 184 1.41 12.87 28.44
C ALA A 184 2.25 11.67 28.03
N SER A 185 3.36 11.94 27.35
CA SER A 185 4.27 10.89 26.92
C SER A 185 4.96 10.24 28.12
N ALA A 186 5.40 11.07 29.06
CA ALA A 186 6.07 10.58 30.26
C ALA A 186 5.10 9.82 31.16
N MET B 1 26.04 -15.55 -8.39
CA MET B 1 25.01 -16.43 -7.82
C MET B 1 25.38 -16.81 -6.39
N ARG B 2 25.64 -15.80 -5.56
CA ARG B 2 25.96 -16.02 -4.16
C ARG B 2 24.69 -16.29 -3.35
N ILE B 3 24.86 -17.00 -2.22
CA ILE B 3 23.72 -17.35 -1.38
C ILE B 3 23.78 -16.62 -0.04
N PHE B 4 22.70 -15.93 0.30
CA PHE B 4 22.61 -15.20 1.56
C PHE B 4 21.35 -15.59 2.32
N GLY B 5 21.30 -15.20 3.60
CA GLY B 5 20.14 -15.49 4.43
C GLY B 5 19.94 -14.48 5.54
N TYR B 6 18.70 -14.38 6.03
CA TYR B 6 18.37 -13.42 7.07
C TYR B 6 17.53 -14.05 8.18
N ALA B 7 17.77 -13.62 9.41
CA ALA B 7 17.02 -14.08 10.57
C ALA B 7 16.75 -12.93 11.52
N ARG B 8 15.53 -12.83 12.03
CA ARG B 8 15.17 -11.75 12.94
C ARG B 8 14.35 -12.26 14.13
N VAL B 9 14.70 -11.76 15.32
CA VAL B 9 13.93 -12.05 16.52
C VAL B 9 13.68 -10.74 17.26
N SER B 10 12.99 -10.84 18.39
CA SER B 10 12.76 -9.68 19.25
C SER B 10 13.72 -9.74 20.44
N THR B 11 13.54 -10.78 21.25
CA THR B 11 14.38 -11.00 22.42
C THR B 11 15.13 -12.33 22.34
N SER B 12 14.37 -13.42 22.25
CA SER B 12 14.92 -14.77 22.36
C SER B 12 16.06 -15.07 21.40
N GLN B 13 17.17 -15.52 21.97
CA GLN B 13 18.35 -15.93 21.20
C GLN B 13 18.16 -17.34 20.65
N GLN B 14 17.35 -18.13 21.33
CA GLN B 14 17.13 -19.53 20.95
C GLN B 14 16.43 -19.66 19.61
N SER B 15 15.36 -18.90 19.42
CA SER B 15 14.61 -18.92 18.17
C SER B 15 15.45 -18.34 17.04
N LEU B 16 16.43 -17.54 17.39
CA LEU B 16 17.37 -16.98 16.42
C LEU B 16 18.33 -18.07 15.95
N ASP B 17 18.81 -18.87 16.90
CA ASP B 17 19.70 -19.98 16.58
C ASP B 17 18.96 -21.05 15.78
N ILE B 18 17.65 -21.14 15.97
CA ILE B 18 16.81 -22.08 15.23
C ILE B 18 16.81 -21.70 13.76
N GLN B 19 16.59 -20.43 13.47
CA GLN B 19 16.57 -19.93 12.11
C GLN B 19 17.96 -20.09 11.47
N ILE B 20 19.00 -19.71 12.20
CA ILE B 20 20.37 -19.82 11.73
C ILE B 20 20.72 -21.27 11.39
N ARG B 21 20.35 -22.18 12.29
CA ARG B 21 20.58 -23.60 12.07
C ARG B 21 19.81 -24.09 10.85
N ALA B 22 18.59 -23.57 10.68
CA ALA B 22 17.76 -23.93 9.54
C ALA B 22 18.37 -23.39 8.25
N LEU B 23 18.94 -22.19 8.31
CA LEU B 23 19.58 -21.58 7.16
C LEU B 23 20.83 -22.34 6.75
N LYS B 24 21.54 -22.88 7.74
CA LYS B 24 22.77 -23.62 7.48
C LYS B 24 22.46 -25.01 6.94
N ASP B 25 21.29 -25.55 7.28
CA ASP B 25 20.86 -26.83 6.75
C ASP B 25 20.39 -26.69 5.31
N ALA B 26 20.14 -25.46 4.89
CA ALA B 26 19.71 -25.16 3.53
C ALA B 26 20.90 -24.89 2.62
N GLY B 27 22.10 -25.07 3.15
CA GLY B 27 23.32 -24.84 2.39
C GLY B 27 23.74 -23.39 2.27
N VAL B 28 23.64 -22.64 3.37
CA VAL B 28 24.12 -21.28 3.41
C VAL B 28 25.36 -21.23 4.29
N LYS B 29 26.43 -20.59 3.81
CA LYS B 29 27.66 -20.49 4.58
C LYS B 29 27.45 -19.62 5.83
N ALA B 30 28.29 -19.84 6.83
CA ALA B 30 28.15 -19.20 8.13
C ALA B 30 28.34 -17.68 8.06
N ASN B 31 29.20 -17.23 7.17
CA ASN B 31 29.49 -15.80 7.04
C ASN B 31 28.49 -15.10 6.12
N ARG B 32 27.59 -15.89 5.53
CA ARG B 32 26.59 -15.36 4.60
C ARG B 32 25.27 -15.05 5.31
N ILE B 33 25.25 -15.24 6.63
CA ILE B 33 24.03 -15.05 7.41
C ILE B 33 24.08 -13.77 8.23
N PHE B 34 23.02 -12.98 8.14
CA PHE B 34 22.90 -11.75 8.92
C PHE B 34 21.70 -11.82 9.86
N THR B 35 21.84 -11.27 11.06
CA THR B 35 20.78 -11.30 12.05
C THR B 35 20.55 -9.94 12.71
N ASP B 36 19.36 -9.76 13.27
CA ASP B 36 19.02 -8.52 13.97
C ASP B 36 18.16 -8.79 15.20
N LYS B 37 18.06 -7.80 16.07
CA LYS B 37 17.27 -7.92 17.30
C LYS B 37 16.80 -6.56 17.79
N ALA B 38 15.81 -6.56 18.68
CA ALA B 38 15.28 -5.32 19.24
C ALA B 38 16.14 -4.84 20.40
N ASP B 44 17.57 -1.19 15.65
CA ASP B 44 18.82 -1.85 15.27
C ASP B 44 18.62 -2.73 14.04
N ARG B 45 18.53 -2.08 12.87
CA ARG B 45 18.37 -2.78 11.60
C ARG B 45 19.71 -3.03 10.93
N GLU B 46 20.80 -2.74 11.64
CA GLU B 46 22.16 -2.77 11.10
C GLU B 46 22.48 -4.01 10.26
N GLY B 47 22.00 -5.17 10.71
CA GLY B 47 22.20 -6.40 9.98
C GLY B 47 21.50 -6.39 8.62
N LEU B 48 20.30 -5.83 8.60
CA LEU B 48 19.52 -5.74 7.37
C LEU B 48 20.11 -4.70 6.43
N ASP B 49 20.64 -3.62 7.00
CA ASP B 49 21.26 -2.56 6.21
C ASP B 49 22.54 -3.05 5.55
N LEU B 50 23.30 -3.87 6.27
CA LEU B 50 24.53 -4.45 5.73
C LEU B 50 24.19 -5.40 4.58
N LEU B 51 23.03 -6.04 4.66
CA LEU B 51 22.56 -6.93 3.60
C LEU B 51 22.17 -6.12 2.37
N ARG B 52 21.54 -4.97 2.58
CA ARG B 52 21.15 -4.09 1.49
C ARG B 52 22.35 -3.64 0.67
N MET B 53 23.46 -3.40 1.35
CA MET B 53 24.68 -2.92 0.70
C MET B 53 25.38 -4.00 -0.11
N LYS B 54 25.53 -5.19 0.48
CA LYS B 54 26.31 -6.26 -0.11
C LYS B 54 25.66 -6.88 -1.35
N VAL B 55 24.34 -7.00 -1.34
CA VAL B 55 23.63 -7.71 -2.40
C VAL B 55 23.82 -7.05 -3.75
N GLU B 56 23.93 -7.88 -4.79
CA GLU B 56 24.02 -7.43 -6.16
C GLU B 56 23.03 -8.22 -7.01
N GLU B 57 22.81 -7.78 -8.24
CA GLU B 57 21.85 -8.43 -9.13
C GLU B 57 22.22 -9.90 -9.38
N GLY B 58 21.24 -10.78 -9.22
CA GLY B 58 21.44 -12.21 -9.42
C GLY B 58 21.53 -13.03 -8.14
N ASP B 59 21.75 -12.35 -7.02
CA ASP B 59 21.85 -13.02 -5.73
C ASP B 59 20.48 -13.39 -5.16
N VAL B 60 20.44 -14.45 -4.35
CA VAL B 60 19.19 -14.93 -3.76
C VAL B 60 19.32 -14.96 -2.24
N ILE B 61 18.24 -14.62 -1.54
CA ILE B 61 18.23 -14.61 -0.08
C ILE B 61 17.25 -15.64 0.47
N LEU B 62 17.71 -16.43 1.43
CA LEU B 62 16.88 -17.45 2.06
C LEU B 62 16.38 -16.98 3.42
N VAL B 63 15.06 -16.95 3.60
CA VAL B 63 14.46 -16.59 4.87
C VAL B 63 13.58 -17.75 5.35
N LYS B 64 13.54 -17.98 6.66
CA LYS B 64 12.74 -19.04 7.23
C LYS B 64 11.25 -18.83 6.95
N LYS B 65 10.72 -17.69 7.39
CA LYS B 65 9.32 -17.37 7.20
C LYS B 65 9.14 -15.91 6.79
N LEU B 66 7.94 -15.57 6.32
CA LEU B 66 7.63 -14.21 5.90
C LEU B 66 7.65 -13.23 7.07
N ASP B 67 7.14 -13.66 8.22
CA ASP B 67 7.05 -12.82 9.40
C ASP B 67 8.41 -12.44 9.97
N ARG B 68 9.46 -13.11 9.50
CA ARG B 68 10.81 -12.87 9.97
C ARG B 68 11.52 -11.79 9.15
N LEU B 69 10.82 -11.19 8.21
CA LEU B 69 11.43 -10.20 7.32
C LEU B 69 11.25 -8.77 7.83
N GLY B 70 10.02 -8.26 7.76
CA GLY B 70 9.73 -6.90 8.17
C GLY B 70 9.05 -6.78 9.51
N ARG B 71 8.79 -5.54 9.93
CA ARG B 71 8.13 -5.30 11.20
C ARG B 71 6.60 -5.34 11.02
N ASP B 72 6.16 -5.31 9.77
CA ASP B 72 4.76 -5.48 9.44
C ASP B 72 4.62 -5.90 7.97
N THR B 73 3.38 -6.01 7.49
CA THR B 73 3.15 -6.43 6.11
C THR B 73 3.64 -5.36 5.13
N ALA B 74 3.41 -4.09 5.48
CA ALA B 74 3.80 -2.98 4.62
C ALA B 74 5.32 -2.88 4.47
N ASP B 75 6.04 -3.08 5.58
CA ASP B 75 7.50 -3.02 5.57
C ASP B 75 8.06 -4.18 4.75
N MET B 76 7.47 -5.36 4.93
CA MET B 76 7.91 -6.56 4.24
C MET B 76 7.86 -6.40 2.72
N ILE B 77 6.71 -5.97 2.21
CA ILE B 77 6.52 -5.80 0.77
C ILE B 77 7.45 -4.71 0.25
N GLN B 78 7.66 -3.68 1.06
CA GLN B 78 8.59 -2.61 0.72
C GLN B 78 10.01 -3.15 0.52
N LEU B 79 10.40 -4.08 1.40
CA LEU B 79 11.72 -4.70 1.30
C LEU B 79 11.80 -5.56 0.04
N ILE B 80 10.82 -6.42 -0.15
CA ILE B 80 10.79 -7.35 -1.28
C ILE B 80 10.82 -6.60 -2.62
N LYS B 81 10.07 -5.51 -2.70
CA LYS B 81 10.09 -4.66 -3.89
C LYS B 81 11.48 -4.07 -4.09
N GLU B 82 12.11 -3.68 -2.99
CA GLU B 82 13.43 -3.04 -3.03
C GLU B 82 14.49 -4.02 -3.54
N PHE B 83 14.36 -5.29 -3.19
CA PHE B 83 15.28 -6.31 -3.65
C PHE B 83 14.99 -6.70 -5.10
N ASP B 84 13.69 -6.78 -5.43
CA ASP B 84 13.29 -7.15 -6.79
C ASP B 84 13.68 -6.07 -7.79
N ALA B 85 13.78 -4.82 -7.31
CA ALA B 85 14.19 -3.71 -8.15
C ALA B 85 15.67 -3.84 -8.51
N GLN B 86 16.43 -4.49 -7.64
CA GLN B 86 17.85 -4.73 -7.87
C GLN B 86 18.07 -6.05 -8.58
N GLY B 87 16.98 -6.75 -8.88
CA GLY B 87 17.05 -8.06 -9.49
C GLY B 87 17.33 -9.16 -8.48
N VAL B 88 17.43 -8.77 -7.21
CA VAL B 88 17.68 -9.71 -6.13
C VAL B 88 16.42 -10.51 -5.82
N ALA B 89 16.59 -11.81 -5.57
CA ALA B 89 15.46 -12.68 -5.31
C ALA B 89 15.43 -13.17 -3.87
N VAL B 90 14.23 -13.47 -3.36
CA VAL B 90 14.07 -13.97 -2.01
C VAL B 90 13.28 -15.28 -2.03
N ARG B 91 13.84 -16.30 -1.37
CA ARG B 91 13.15 -17.59 -1.26
C ARG B 91 12.86 -17.93 0.20
N PHE B 92 11.57 -17.98 0.54
CA PHE B 92 11.16 -18.32 1.89
C PHE B 92 11.04 -19.83 2.05
N ILE B 93 11.78 -20.38 3.00
CA ILE B 93 11.91 -21.83 3.16
C ILE B 93 10.61 -22.51 3.59
N ASP B 94 10.06 -22.08 4.72
CA ASP B 94 8.89 -22.73 5.29
C ASP B 94 7.63 -22.52 4.46
N ASP B 95 7.46 -21.31 3.94
CA ASP B 95 6.26 -20.97 3.18
C ASP B 95 6.33 -21.52 1.75
N GLY B 96 7.52 -21.89 1.32
CA GLY B 96 7.72 -22.44 -0.02
C GLY B 96 7.39 -21.46 -1.13
N ILE B 97 7.92 -20.25 -1.01
CA ILE B 97 7.65 -19.19 -1.98
C ILE B 97 8.96 -18.59 -2.48
N SER B 98 9.03 -18.35 -3.79
CA SER B 98 10.22 -17.78 -4.40
C SER B 98 9.88 -16.59 -5.29
N THR B 99 10.74 -15.57 -5.25
CA THR B 99 10.55 -14.36 -6.05
C THR B 99 11.30 -14.42 -7.38
N ASP B 100 11.90 -15.57 -7.67
CA ASP B 100 12.59 -15.77 -8.94
C ASP B 100 11.99 -16.94 -9.73
N GLY B 101 12.60 -17.25 -10.86
CA GLY B 101 12.12 -18.30 -11.73
C GLY B 101 10.81 -17.96 -12.41
N ASP B 102 9.83 -18.83 -12.22
CA ASP B 102 8.52 -18.65 -12.85
C ASP B 102 7.61 -17.73 -12.03
N MET B 103 7.31 -18.17 -10.81
CA MET B 103 6.36 -17.47 -9.94
C MET B 103 6.83 -16.07 -9.53
N GLY B 104 8.06 -15.72 -9.86
CA GLY B 104 8.66 -14.47 -9.45
C GLY B 104 7.87 -13.19 -9.71
N GLN B 105 7.44 -13.01 -10.95
CA GLN B 105 6.62 -11.84 -11.30
C GLN B 105 5.29 -11.89 -10.57
N MET B 106 4.75 -13.10 -10.45
CA MET B 106 3.44 -13.30 -9.84
C MET B 106 3.44 -12.93 -8.35
N VAL B 107 4.57 -13.18 -7.68
CA VAL B 107 4.69 -12.86 -6.27
C VAL B 107 4.74 -11.35 -6.05
N VAL B 108 5.62 -10.68 -6.80
CA VAL B 108 5.79 -9.24 -6.68
C VAL B 108 4.52 -8.49 -7.09
N THR B 109 3.91 -8.94 -8.18
CA THR B 109 2.68 -8.33 -8.69
C THR B 109 1.57 -8.35 -7.66
N ILE B 110 1.36 -9.51 -7.04
CA ILE B 110 0.25 -9.69 -6.11
C ILE B 110 0.53 -9.00 -4.78
N LEU B 111 1.75 -9.14 -4.27
CA LEU B 111 2.13 -8.48 -3.03
C LEU B 111 2.02 -6.96 -3.18
N SER B 112 2.26 -6.47 -4.39
CA SER B 112 2.10 -5.05 -4.70
C SER B 112 0.63 -4.66 -4.57
N ALA B 113 -0.24 -5.53 -5.06
CA ALA B 113 -1.68 -5.28 -5.03
C ALA B 113 -2.21 -5.30 -3.60
N VAL B 114 -1.64 -6.19 -2.78
CA VAL B 114 -2.02 -6.30 -1.38
C VAL B 114 -1.67 -5.02 -0.64
N ALA B 115 -0.47 -4.50 -0.89
CA ALA B 115 0.00 -3.28 -0.25
C ALA B 115 -0.80 -2.06 -0.70
N GLN B 116 -0.99 -1.95 -2.01
CA GLN B 116 -1.70 -0.80 -2.58
C GLN B 116 -3.17 -0.79 -2.15
N ALA B 117 -3.69 -1.97 -1.79
CA ALA B 117 -5.08 -2.10 -1.39
C ALA B 117 -5.32 -1.54 0.01
N GLU B 118 -4.41 -1.83 0.94
CA GLU B 118 -4.58 -1.38 2.31
C GLU B 118 -4.37 0.12 2.42
N ARG B 119 -3.55 0.68 1.54
CA ARG B 119 -3.36 2.12 1.48
C ARG B 119 -4.60 2.79 0.91
N ARG B 120 -5.19 2.15 -0.10
CA ARG B 120 -6.41 2.66 -0.72
C ARG B 120 -7.60 2.49 0.23
N ARG B 121 -7.43 1.63 1.23
CA ARG B 121 -8.45 1.45 2.26
C ARG B 121 -8.48 2.64 3.21
N ILE B 122 -7.29 3.18 3.50
CA ILE B 122 -7.18 4.37 4.33
C ILE B 122 -7.70 5.58 3.57
N LEU B 123 -7.50 5.57 2.26
CA LEU B 123 -7.88 6.69 1.41
C LEU B 123 -9.31 6.58 0.90
N GLU B 124 -10.03 5.56 1.38
CA GLU B 124 -11.39 5.30 0.92
C GLU B 124 -12.30 6.53 0.98
N ARG B 125 -12.40 7.15 2.15
CA ARG B 125 -13.25 8.31 2.30
C ARG B 125 -12.71 9.50 1.49
N THR B 126 -11.40 9.57 1.33
CA THR B 126 -10.77 10.65 0.58
C THR B 126 -11.01 10.54 -0.92
N ASN B 127 -10.74 9.37 -1.49
CA ASN B 127 -10.87 9.18 -2.94
C ASN B 127 -12.33 9.02 -3.37
N GLU B 128 -13.22 8.77 -2.41
CA GLU B 128 -14.65 8.74 -2.71
C GLU B 128 -15.17 10.16 -2.81
N GLY B 129 -14.70 11.03 -1.91
CA GLY B 129 -15.04 12.43 -1.96
C GLY B 129 -14.48 13.07 -3.22
N ARG B 130 -13.39 12.50 -3.72
CA ARG B 130 -12.79 12.96 -4.95
C ARG B 130 -13.64 12.56 -6.15
N GLN B 131 -14.32 11.42 -6.03
CA GLN B 131 -15.20 10.95 -7.10
C GLN B 131 -16.47 11.77 -7.18
N GLU B 132 -16.93 12.25 -6.02
CA GLU B 132 -18.09 13.14 -5.99
C GLU B 132 -17.68 14.53 -6.48
N ALA B 133 -16.42 14.89 -6.24
CA ALA B 133 -15.90 16.17 -6.71
C ALA B 133 -15.80 16.18 -8.23
N LYS B 134 -15.31 15.07 -8.78
CA LYS B 134 -15.23 14.89 -10.23
C LYS B 134 -16.62 14.95 -10.83
N LEU B 135 -17.59 14.44 -10.06
CA LEU B 135 -18.98 14.42 -10.47
C LEU B 135 -19.56 15.84 -10.50
N LYS B 136 -19.12 16.68 -9.57
CA LYS B 136 -19.59 18.06 -9.50
C LYS B 136 -19.04 18.90 -10.63
N GLY B 137 -17.96 18.43 -11.25
CA GLY B 137 -17.35 19.14 -12.36
C GLY B 137 -16.09 19.89 -12.00
N ILE B 138 -15.58 19.66 -10.79
CA ILE B 138 -14.35 20.30 -10.34
C ILE B 138 -13.18 19.91 -11.24
N LYS B 139 -12.43 20.92 -11.66
CA LYS B 139 -11.30 20.72 -12.56
C LYS B 139 -10.10 20.12 -11.83
N PHE B 140 -9.58 19.01 -12.35
CA PHE B 140 -8.41 18.38 -11.77
C PHE B 140 -7.14 18.80 -12.51
N GLY B 141 -6.00 18.32 -12.05
CA GLY B 141 -4.74 18.61 -12.70
C GLY B 141 -4.24 20.02 -12.52
N ARG B 142 -3.05 20.28 -13.07
CA ARG B 142 -2.42 21.59 -13.02
C ARG B 142 -3.31 22.67 -13.66
N ARG B 143 -3.27 23.88 -13.10
CA ARG B 143 -4.01 25.00 -13.68
C ARG B 143 -3.21 25.62 -14.83
N ARG B 144 -3.90 26.05 -15.88
CA ARG B 144 -3.24 26.61 -17.04
C ARG B 144 -2.65 27.99 -16.73
N THR B 145 -1.34 28.12 -16.90
CA THR B 145 -0.67 29.41 -16.75
C THR B 145 -0.48 30.11 -18.09
N VAL B 146 -0.73 29.39 -19.17
CA VAL B 146 -0.47 29.90 -20.51
C VAL B 146 -1.74 30.49 -21.11
N ASP B 147 -1.62 31.70 -21.66
CA ASP B 147 -2.75 32.32 -22.32
C ASP B 147 -2.95 31.61 -23.66
N ARG B 148 -4.13 31.02 -23.84
CA ARG B 148 -4.40 30.24 -25.04
C ARG B 148 -4.73 31.17 -26.18
N ASN B 149 -5.30 32.33 -25.84
CA ASN B 149 -5.70 33.33 -26.83
C ASN B 149 -4.49 33.82 -27.63
N VAL B 150 -3.43 34.17 -26.92
CA VAL B 150 -2.20 34.67 -27.55
C VAL B 150 -1.64 33.63 -28.52
N VAL B 151 -1.55 32.38 -28.07
CA VAL B 151 -1.02 31.30 -28.90
C VAL B 151 -1.86 31.10 -30.16
N LEU B 152 -3.18 31.11 -29.99
CA LEU B 152 -4.10 30.88 -31.09
C LEU B 152 -4.20 32.07 -32.03
N THR B 153 -4.09 33.28 -31.47
CA THR B 153 -4.15 34.49 -32.28
C THR B 153 -2.92 34.59 -33.19
N LEU B 154 -1.75 34.39 -32.61
CA LEU B 154 -0.50 34.46 -33.36
C LEU B 154 -0.48 33.41 -34.47
N HIS B 155 -0.93 32.20 -34.14
CA HIS B 155 -0.97 31.12 -35.12
C HIS B 155 -1.97 31.41 -36.23
N GLN B 156 -3.03 32.15 -35.89
CA GLN B 156 -4.04 32.51 -36.87
C GLN B 156 -3.47 33.47 -37.91
N LYS B 157 -2.56 34.33 -37.46
CA LYS B 157 -1.91 35.28 -38.37
C LYS B 157 -0.80 34.61 -39.17
N GLY B 158 -0.48 33.36 -38.81
CA GLY B 158 0.52 32.61 -39.53
C GLY B 158 1.88 32.52 -38.88
N THR B 159 1.96 32.91 -37.61
CA THR B 159 3.22 32.85 -36.87
C THR B 159 3.65 31.40 -36.69
N GLY B 160 4.94 31.13 -36.91
CA GLY B 160 5.48 29.80 -36.77
C GLY B 160 5.42 29.28 -35.35
N ALA B 161 5.54 27.97 -35.19
CA ALA B 161 5.47 27.35 -33.87
C ALA B 161 6.67 27.73 -33.00
N THR B 162 7.86 27.70 -33.60
CA THR B 162 9.08 28.04 -32.89
C THR B 162 9.08 29.50 -32.44
N GLU B 163 8.45 30.35 -33.25
CA GLU B 163 8.45 31.78 -32.98
C GLU B 163 7.53 32.13 -31.81
N ILE B 164 6.38 31.47 -31.74
CA ILE B 164 5.46 31.67 -30.63
C ILE B 164 6.10 31.19 -29.33
N ALA B 165 6.81 30.08 -29.42
CA ALA B 165 7.50 29.51 -28.25
C ALA B 165 8.55 30.47 -27.71
N HIS B 166 9.35 31.04 -28.59
CA HIS B 166 10.38 32.00 -28.19
C HIS B 166 9.75 33.31 -27.75
N GLN B 167 8.55 33.59 -28.25
CA GLN B 167 7.82 34.80 -27.92
C GLN B 167 7.32 34.78 -26.48
N LEU B 168 6.62 33.71 -26.13
CA LEU B 168 5.99 33.59 -24.82
C LEU B 168 6.85 32.83 -23.83
N SER B 169 8.05 32.46 -24.26
CA SER B 169 9.01 31.72 -23.42
C SER B 169 8.46 30.37 -22.97
N ILE B 170 7.63 29.76 -23.81
CA ILE B 170 7.11 28.43 -23.53
C ILE B 170 7.82 27.40 -24.41
N ALA B 171 7.47 26.13 -24.24
CA ALA B 171 8.05 25.06 -25.04
C ALA B 171 7.39 24.98 -26.42
N ARG B 172 8.12 24.46 -27.39
CA ARG B 172 7.59 24.32 -28.74
C ARG B 172 6.46 23.28 -28.77
N SER B 173 6.67 22.17 -28.06
CA SER B 173 5.69 21.11 -28.00
C SER B 173 4.43 21.57 -27.26
N THR B 174 4.58 22.60 -26.44
CA THR B 174 3.45 23.16 -25.72
C THR B 174 2.49 23.84 -26.70
N VAL B 175 3.05 24.56 -27.66
CA VAL B 175 2.26 25.26 -28.66
C VAL B 175 1.44 24.27 -29.49
N TYR B 176 2.09 23.19 -29.93
CA TYR B 176 1.41 22.16 -30.72
C TYR B 176 0.29 21.51 -29.92
N LYS B 177 0.52 21.30 -28.63
CA LYS B 177 -0.48 20.65 -27.78
C LYS B 177 -1.68 21.55 -27.58
N ILE B 178 -1.44 22.86 -27.52
CA ILE B 178 -2.51 23.84 -27.37
C ILE B 178 -3.32 23.92 -28.65
N LEU B 179 -2.64 23.93 -29.79
CA LEU B 179 -3.30 23.96 -31.09
C LEU B 179 -4.11 22.70 -31.32
N GLU B 180 -3.62 21.58 -30.81
CA GLU B 180 -4.29 20.29 -30.95
C GLU B 180 -5.56 20.24 -30.10
N ASP B 181 -5.50 20.83 -28.91
CA ASP B 181 -6.64 20.81 -27.99
C ASP B 181 -7.79 21.66 -28.49
N GLU B 182 -7.47 22.82 -29.06
CA GLU B 182 -8.51 23.73 -29.52
C GLU B 182 -9.06 23.32 -30.88
N ARG B 183 -8.29 22.52 -31.61
CA ARG B 183 -8.72 22.00 -32.90
C ARG B 183 -9.66 20.80 -32.72
N ALA B 184 -9.31 19.93 -31.79
CA ALA B 184 -10.06 18.70 -31.56
C ALA B 184 -11.45 18.97 -30.96
N SER B 185 -11.55 20.04 -30.17
CA SER B 185 -12.80 20.39 -29.54
C SER B 185 -13.72 21.12 -30.51
#